data_1PI6
#
_entry.id   1PI6
#
_cell.length_a   69.120
_cell.length_b   154.430
_cell.length_c   62.110
_cell.angle_alpha   90.00
_cell.angle_beta   90.00
_cell.angle_gamma   90.00
#
_symmetry.space_group_name_H-M   'P 21 21 2'
#
loop_
_entity.id
_entity.type
_entity.pdbx_description
1 polymer 'Actin interacting protein 1'
2 non-polymer 'ZINC ION'
3 water water
#
_entity_poly.entity_id   1
_entity_poly.type   'polypeptide(L)'
_entity_poly.pdbx_seq_one_letter_code
;MSSISLKEIIPPQPSTQRNFTTHLSYDPTTNAIAYPCGKSAFVRCLDDGDSKVPPVVQFTGHGSSVVTTVKFSPIKGSQY
LCSGDESGKVIVWGWTFDKESNSVEVNVKSEFQVLAGPISDISWDFEGRRLCVVGEGRDNFGVFISWDSGNSLGEVSGHS
QRINACHLKQSRPMRSMTVGDDGSVVFYQGPPFKFSASDRTHHKQGSFVRDVEFSPDSGEFVITVGSDRKISCFDGKSGE
FLKYIEDDQEPVQGGIFALSWLDSQKFATVGADATIRVWDVTTSKCVQKWTLDKQQLGNQQVGVVATGNGRIISLSLDGT
LNFYELGHDEVLKTISGHNKGITALTVNPLISGSYDGRIMEWSSSSMHQDHSNLIVSLDNSKAQEYSSISWDDTLKVNGI
TKHEFGSQPKVASANNDGFTAVLTNDDDLLILQSFTGDIIKSVRLNSPGSAVSLSQNYVAVGLEEGNTIQVFKLSDLEVS
FDLKTPLRAKPSYISISPSETYIAAGDVMGKILLYDLQSREVKTSRWAFRTSKINAISWKPAEKGANEEEIEEDLVATGS
LDTNIFIYSVKRPMKIIKALNAHKDGVNNLLWETPSTLVSSGADACIKRWNVVLE
;
_entity_poly.pdbx_strand_id   A
#
# COMPACT_ATOMS: atom_id res chain seq x y z
N SER A 2 -30.54 8.33 5.06
CA SER A 2 -29.65 8.07 3.90
C SER A 2 -28.19 8.11 4.36
N SER A 3 -27.40 7.15 3.93
CA SER A 3 -26.00 7.12 4.33
C SER A 3 -25.10 6.21 3.50
N ILE A 4 -24.13 6.09 3.80
CA ILE A 4 -22.94 5.30 3.37
C ILE A 4 -22.13 4.82 4.57
N SER A 5 -21.96 3.52 4.69
CA SER A 5 -21.19 2.96 5.80
C SER A 5 -20.16 1.96 5.29
N LEU A 6 -18.96 2.00 5.87
CA LEU A 6 -17.87 1.11 5.48
C LEU A 6 -18.22 -0.36 5.65
N LYS A 7 -18.32 -1.06 4.53
CA LYS A 7 -18.65 -2.49 4.52
C LYS A 7 -17.43 -3.40 4.60
N GLU A 8 -16.34 -3.04 3.93
CA GLU A 8 -15.14 -3.87 3.94
C GLU A 8 -13.89 -3.13 3.46
N ILE A 9 -12.75 -3.48 4.04
CA ILE A 9 -11.49 -2.87 3.64
C ILE A 9 -10.48 -3.89 3.16
N ILE A 10 -9.97 -3.69 1.96
CA ILE A 10 -8.95 -4.55 1.42
C ILE A 10 -7.67 -3.74 1.49
N PRO A 11 -6.89 -3.96 2.57
CA PRO A 11 -5.63 -3.26 2.81
C PRO A 11 -4.56 -3.64 1.80
N PRO A 12 -3.57 -2.75 1.63
CA PRO A 12 -2.46 -2.97 0.69
C PRO A 12 -1.50 -3.98 1.28
N GLN A 13 -0.50 -4.36 0.51
CA GLN A 13 0.51 -5.29 0.97
C GLN A 13 1.59 -4.42 1.58
N PRO A 14 2.52 -5.02 2.34
CA PRO A 14 3.59 -4.22 2.96
C PRO A 14 4.45 -3.54 1.90
N SER A 15 4.97 -2.37 2.23
CA SER A 15 5.81 -1.61 1.31
C SER A 15 7.12 -2.36 1.12
N THR A 16 7.67 -2.29 -0.08
CA THR A 16 8.89 -3.02 -0.38
C THR A 16 9.90 -2.26 -1.24
N GLN A 17 11.15 -2.72 -1.19
CA GLN A 17 12.26 -2.13 -1.95
C GLN A 17 13.36 -3.16 -2.18
N ARG A 18 13.73 -3.37 -3.45
CA ARG A 18 14.79 -4.32 -3.76
C ARG A 18 16.06 -3.96 -2.99
N ASN A 19 16.67 -4.97 -2.38
CA ASN A 19 17.90 -4.80 -1.60
C ASN A 19 17.68 -4.14 -0.26
N PHE A 20 16.42 -4.02 0.16
CA PHE A 20 16.12 -3.40 1.44
C PHE A 20 15.11 -4.19 2.25
N THR A 21 15.38 -4.31 3.55
CA THR A 21 14.53 -5.04 4.48
C THR A 21 13.28 -4.28 4.87
N THR A 22 12.22 -5.03 5.14
CA THR A 22 10.97 -4.43 5.58
C THR A 22 10.69 -5.07 6.93
N HIS A 23 10.89 -4.30 7.99
CA HIS A 23 10.67 -4.78 9.35
C HIS A 23 9.19 -4.94 9.66
N LEU A 24 8.79 -6.15 10.02
CA LEU A 24 7.40 -6.44 10.34
C LEU A 24 7.23 -6.55 11.84
N SER A 25 5.98 -6.49 12.29
CA SER A 25 5.70 -6.60 13.71
C SER A 25 4.43 -7.41 13.92
N TYR A 26 4.47 -8.31 14.90
CA TYR A 26 3.32 -9.15 15.20
C TYR A 26 2.90 -8.99 16.64
N ASP A 27 1.59 -8.99 16.87
CA ASP A 27 1.07 -8.88 18.21
C ASP A 27 0.24 -10.10 18.56
N PRO A 28 0.75 -10.95 19.47
CA PRO A 28 0.05 -12.17 19.88
C PRO A 28 -1.40 -11.96 20.33
N THR A 29 -1.60 -11.02 21.25
CA THR A 29 -2.93 -10.74 21.79
C THR A 29 -4.02 -10.52 20.73
N THR A 30 -3.75 -9.61 19.80
CA THR A 30 -4.71 -9.28 18.74
C THR A 30 -4.51 -10.12 17.48
N ASN A 31 -3.54 -11.03 17.53
CA ASN A 31 -3.20 -11.88 16.39
C ASN A 31 -3.26 -11.06 15.11
N ALA A 32 -2.40 -10.04 15.05
CA ALA A 32 -2.34 -9.16 13.89
C ALA A 32 -0.90 -8.77 13.62
N ILE A 33 -0.64 -8.31 12.40
CA ILE A 33 0.69 -7.87 12.04
C ILE A 33 0.60 -6.42 11.61
N ALA A 34 1.68 -5.67 11.80
CA ALA A 34 1.72 -4.27 11.44
C ALA A 34 2.81 -4.07 10.41
N TYR A 35 2.58 -3.17 9.48
CA TYR A 35 3.55 -2.90 8.44
C TYR A 35 3.24 -1.58 7.74
N PRO A 36 4.26 -0.94 7.15
CA PRO A 36 4.08 0.33 6.45
C PRO A 36 3.76 0.13 4.98
N CYS A 37 3.04 1.08 4.41
CA CYS A 37 2.74 1.04 3.00
C CYS A 37 2.36 2.44 2.57
N GLY A 38 3.27 3.07 1.84
CA GLY A 38 3.02 4.41 1.39
C GLY A 38 3.12 5.36 2.56
N LYS A 39 2.11 6.19 2.73
CA LYS A 39 2.11 7.17 3.80
C LYS A 39 1.27 6.80 5.02
N SER A 40 0.86 5.53 5.10
CA SER A 40 0.04 5.06 6.21
C SER A 40 0.65 3.83 6.87
N ALA A 41 0.31 3.63 8.14
CA ALA A 41 0.77 2.47 8.87
C ALA A 41 -0.46 1.58 8.96
N PHE A 42 -0.26 0.27 8.83
CA PHE A 42 -1.38 -0.66 8.88
C PHE A 42 -1.19 -1.77 9.91
N VAL A 43 -2.34 -2.29 10.36
CA VAL A 43 -2.39 -3.38 11.30
C VAL A 43 -3.48 -4.27 10.71
N ARG A 44 -3.11 -5.48 10.29
CA ARG A 44 -4.08 -6.39 9.71
C ARG A 44 -4.26 -7.62 10.58
N CYS A 45 -5.49 -7.88 11.00
CA CYS A 45 -5.78 -9.03 11.84
C CYS A 45 -5.75 -10.33 11.06
N LEU A 46 -4.93 -11.27 11.51
CA LEU A 46 -4.83 -12.56 10.83
C LEU A 46 -6.08 -13.39 11.12
N ASP A 47 -6.97 -12.82 11.92
CA ASP A 47 -8.22 -13.48 12.30
C ASP A 47 -9.37 -13.35 11.31
N ASP A 48 -9.66 -14.46 10.65
CA ASP A 48 -10.73 -14.57 9.67
C ASP A 48 -12.10 -14.50 10.37
N GLY A 49 -12.41 -15.56 11.12
CA GLY A 49 -13.68 -15.62 11.83
C GLY A 49 -13.88 -14.43 12.76
N ASP A 50 -14.94 -13.68 12.52
CA ASP A 50 -15.25 -12.50 13.33
C ASP A 50 -14.55 -12.50 14.68
N SER A 51 -14.07 -11.34 15.08
CA SER A 51 -13.40 -11.19 16.36
C SER A 51 -13.58 -9.75 16.79
N LYS A 52 -13.27 -9.46 18.05
CA LYS A 52 -13.41 -8.11 18.57
C LYS A 52 -12.32 -7.21 18.01
N VAL A 53 -11.42 -7.82 17.24
CA VAL A 53 -10.32 -7.10 16.62
C VAL A 53 -10.72 -6.63 15.23
N PRO A 54 -10.65 -5.32 14.98
CA PRO A 54 -11.03 -4.83 13.65
C PRO A 54 -10.12 -5.42 12.59
N PRO A 55 -10.69 -5.80 11.43
CA PRO A 55 -9.91 -6.40 10.34
C PRO A 55 -8.69 -5.55 10.02
N VAL A 56 -8.92 -4.26 9.84
CA VAL A 56 -7.86 -3.32 9.49
C VAL A 56 -7.88 -2.04 10.31
N VAL A 57 -6.70 -1.50 10.55
CA VAL A 57 -6.54 -0.24 11.25
C VAL A 57 -5.50 0.49 10.42
N GLN A 58 -5.84 1.69 9.98
CA GLN A 58 -4.96 2.50 9.17
C GLN A 58 -4.70 3.83 9.85
N PHE A 59 -3.42 4.12 10.07
CA PHE A 59 -3.03 5.37 10.70
C PHE A 59 -2.41 6.25 9.61
N THR A 60 -2.97 7.45 9.44
CA THR A 60 -2.51 8.39 8.41
C THR A 60 -1.72 9.57 8.96
N GLY A 61 -1.46 9.55 10.26
CA GLY A 61 -0.74 10.64 10.90
C GLY A 61 0.60 11.13 10.37
N HIS A 62 1.24 10.39 9.47
CA HIS A 62 2.53 10.85 8.98
C HIS A 62 2.41 11.85 7.83
N GLY A 63 1.17 12.23 7.52
CA GLY A 63 0.92 13.18 6.45
C GLY A 63 1.63 12.92 5.15
N SER A 64 2.57 13.79 4.80
CA SER A 64 3.30 13.66 3.54
C SER A 64 4.56 12.80 3.58
N SER A 65 4.90 12.31 4.77
CA SER A 65 6.10 11.49 4.91
C SER A 65 5.82 10.00 4.81
N VAL A 66 6.52 9.34 3.89
CA VAL A 66 6.39 7.90 3.69
C VAL A 66 6.71 7.18 4.99
N VAL A 67 5.84 6.26 5.40
CA VAL A 67 6.06 5.49 6.64
C VAL A 67 7.13 4.44 6.40
N THR A 68 8.05 4.30 7.35
CA THR A 68 9.10 3.30 7.19
C THR A 68 8.97 2.07 8.07
N THR A 69 8.36 2.21 9.25
CA THR A 69 8.23 1.06 10.13
C THR A 69 7.12 1.20 11.16
N VAL A 70 6.49 0.08 11.51
CA VAL A 70 5.41 0.09 12.48
C VAL A 70 5.65 -0.97 13.55
N LYS A 71 5.59 -0.57 14.81
CA LYS A 71 5.82 -1.52 15.89
C LYS A 71 4.75 -1.53 16.98
N PHE A 72 4.34 -2.73 17.35
CA PHE A 72 3.35 -2.94 18.40
C PHE A 72 4.01 -2.71 19.76
N SER A 73 3.24 -2.17 20.70
CA SER A 73 3.74 -1.98 22.06
C SER A 73 3.66 -3.38 22.64
N PRO A 74 4.61 -3.75 23.52
CA PRO A 74 4.60 -5.09 24.12
C PRO A 74 3.47 -5.32 25.12
N ILE A 75 2.90 -4.24 25.64
CA ILE A 75 1.83 -4.35 26.62
C ILE A 75 0.54 -4.94 26.05
N LYS A 76 0.23 -6.15 26.48
CA LYS A 76 -0.97 -6.85 26.03
C LYS A 76 -2.20 -5.97 26.12
N GLY A 77 -2.94 -5.89 25.02
CA GLY A 77 -4.15 -5.09 24.97
C GLY A 77 -3.95 -3.58 24.97
N SER A 78 -2.70 -3.13 25.06
CA SER A 78 -2.43 -1.69 25.08
C SER A 78 -2.91 -0.95 23.84
N GLN A 79 -3.14 -1.69 22.75
CA GLN A 79 -3.61 -1.09 21.50
C GLN A 79 -2.84 0.17 21.13
N TYR A 80 -1.55 0.20 21.49
CA TYR A 80 -0.68 1.31 21.17
C TYR A 80 0.32 0.79 20.14
N LEU A 81 0.79 1.68 19.29
CA LEU A 81 1.78 1.34 18.29
C LEU A 81 2.66 2.57 18.11
N CYS A 82 3.81 2.36 17.48
CA CYS A 82 4.75 3.44 17.24
C CYS A 82 5.32 3.28 15.84
N SER A 83 5.27 4.34 15.05
CA SER A 83 5.77 4.31 13.69
C SER A 83 6.67 5.49 13.34
N GLY A 84 7.57 5.29 12.38
CA GLY A 84 8.47 6.34 11.97
C GLY A 84 8.33 6.57 10.47
N ASP A 85 8.87 7.69 9.98
CA ASP A 85 8.78 8.01 8.56
C ASP A 85 10.11 8.55 8.04
N GLU A 86 10.21 8.70 6.71
CA GLU A 86 11.45 9.19 6.09
C GLU A 86 11.84 10.59 6.52
N SER A 87 10.88 11.38 6.99
CA SER A 87 11.19 12.74 7.43
C SER A 87 11.90 12.73 8.77
N GLY A 88 12.03 11.56 9.35
CA GLY A 88 12.71 11.43 10.64
C GLY A 88 11.83 11.64 11.84
N LYS A 89 10.51 11.59 11.64
CA LYS A 89 9.56 11.78 12.74
C LYS A 89 9.00 10.46 13.25
N VAL A 90 8.82 10.37 14.56
CA VAL A 90 8.28 9.17 15.19
C VAL A 90 6.97 9.51 15.89
N ILE A 91 6.00 8.60 15.83
CA ILE A 91 4.70 8.85 16.44
C ILE A 91 4.14 7.66 17.22
N VAL A 92 3.73 7.93 18.46
CA VAL A 92 3.12 6.89 19.28
C VAL A 92 1.63 7.20 19.21
N TRP A 93 0.87 6.26 18.65
CA TRP A 93 -0.56 6.45 18.50
C TRP A 93 -1.30 5.21 18.98
N GLY A 94 -2.60 5.35 19.24
CA GLY A 94 -3.38 4.21 19.69
C GLY A 94 -4.71 4.20 18.97
N TRP A 95 -5.22 3.00 18.70
CA TRP A 95 -6.50 2.91 18.03
C TRP A 95 -7.63 2.51 18.97
N THR A 96 -8.82 2.53 18.40
CA THR A 96 -10.05 2.20 19.10
C THR A 96 -10.98 1.59 18.08
N PHE A 97 -11.82 0.66 18.52
CA PHE A 97 -12.75 0.01 17.60
C PHE A 97 -14.15 -0.01 18.13
N ASP A 98 -15.11 -0.12 17.22
CA ASP A 98 -16.51 -0.18 17.60
C ASP A 98 -17.24 -1.14 16.67
N LYS A 99 -17.18 -2.42 16.99
CA LYS A 99 -17.79 -3.48 16.21
C LYS A 99 -19.18 -3.08 15.75
N GLU A 100 -19.79 -2.13 16.45
CA GLU A 100 -21.14 -1.67 16.15
C GLU A 100 -21.17 -0.75 14.94
N SER A 101 -20.62 0.45 15.13
CA SER A 101 -20.52 1.47 14.09
C SER A 101 -19.53 0.92 13.10
N ASN A 102 -18.78 -0.09 13.54
CA ASN A 102 -17.75 -0.70 12.70
C ASN A 102 -16.85 0.46 12.32
N SER A 103 -16.51 1.26 13.31
CA SER A 103 -15.65 2.42 13.12
C SER A 103 -14.38 2.31 13.93
N VAL A 104 -13.27 2.70 13.31
CA VAL A 104 -11.98 2.66 13.96
C VAL A 104 -11.45 4.07 14.15
N GLU A 105 -11.12 4.41 15.40
CA GLU A 105 -10.57 5.71 15.72
C GLU A 105 -9.09 5.55 15.95
N VAL A 106 -8.32 6.57 15.60
CA VAL A 106 -6.89 6.57 15.82
C VAL A 106 -6.55 7.92 16.39
N ASN A 107 -5.93 7.92 17.57
CA ASN A 107 -5.56 9.16 18.23
C ASN A 107 -4.09 9.20 18.55
N VAL A 108 -3.41 10.24 18.09
CA VAL A 108 -1.99 10.40 18.35
C VAL A 108 -1.79 10.65 19.83
N LYS A 109 -0.65 10.20 20.37
CA LYS A 109 -0.38 10.45 21.78
C LYS A 109 0.90 11.26 21.95
N SER A 110 1.82 11.07 21.01
CA SER A 110 3.09 11.77 21.06
C SER A 110 3.81 11.68 19.72
N GLU A 111 4.53 12.75 19.39
CA GLU A 111 5.30 12.81 18.15
C GLU A 111 6.63 13.48 18.42
N PHE A 112 7.70 12.96 17.81
CA PHE A 112 9.03 13.53 18.01
C PHE A 112 9.86 13.57 16.74
N GLN A 113 10.54 14.70 16.49
CA GLN A 113 11.42 14.81 15.34
C GLN A 113 12.75 14.32 15.88
N VAL A 114 13.04 13.04 15.69
CA VAL A 114 14.27 12.47 16.22
C VAL A 114 15.48 12.40 15.30
N LEU A 115 15.25 12.28 14.00
CA LEU A 115 16.37 12.20 13.06
C LEU A 115 16.30 13.22 11.95
N ALA A 116 17.47 13.58 11.42
CA ALA A 116 17.55 14.51 10.32
C ALA A 116 17.02 13.76 9.11
N GLY A 117 17.47 12.51 8.95
CA GLY A 117 17.05 11.70 7.83
C GLY A 117 15.93 10.74 8.16
N PRO A 118 15.76 9.68 7.34
CA PRO A 118 14.72 8.66 7.52
C PRO A 118 14.99 7.63 8.60
N ILE A 119 13.91 7.22 9.26
CA ILE A 119 13.97 6.23 10.32
C ILE A 119 13.95 4.86 9.68
N SER A 120 14.82 3.97 10.17
CA SER A 120 14.92 2.62 9.62
C SER A 120 14.28 1.57 10.51
N ASP A 121 14.39 1.75 11.82
CA ASP A 121 13.80 0.78 12.73
C ASP A 121 13.44 1.41 14.07
N ILE A 122 12.51 0.76 14.75
CA ILE A 122 12.04 1.20 16.07
C ILE A 122 11.93 -0.04 16.94
N SER A 123 12.10 0.14 18.24
CA SER A 123 11.99 -0.97 19.18
C SER A 123 11.53 -0.44 20.52
N TRP A 124 10.63 -1.17 21.16
CA TRP A 124 10.13 -0.78 22.46
C TRP A 124 10.86 -1.62 23.50
N ASP A 125 10.75 -1.22 24.76
CA ASP A 125 11.36 -1.99 25.84
C ASP A 125 10.19 -2.87 26.26
N PHE A 126 10.39 -3.83 27.15
CA PHE A 126 9.28 -4.70 27.51
C PHE A 126 8.20 -4.00 28.34
N GLU A 127 8.49 -2.81 28.85
CA GLU A 127 7.52 -2.07 29.65
C GLU A 127 6.63 -1.20 28.76
N GLY A 128 7.02 -1.08 27.49
CA GLY A 128 6.24 -0.26 26.57
C GLY A 128 6.30 1.20 26.98
N ARG A 129 7.46 1.63 27.45
CA ARG A 129 7.63 3.01 27.90
C ARG A 129 8.90 3.67 27.36
N ARG A 130 9.79 2.86 26.78
CA ARG A 130 11.04 3.39 26.24
C ARG A 130 11.16 3.00 24.77
N LEU A 131 11.82 3.85 24.00
CA LEU A 131 11.98 3.58 22.57
C LEU A 131 13.41 3.73 22.07
N CYS A 132 13.83 2.80 21.22
CA CYS A 132 15.12 2.92 20.56
C CYS A 132 14.65 3.28 19.17
N VAL A 133 14.99 4.47 18.67
CA VAL A 133 14.58 4.85 17.33
C VAL A 133 15.91 4.90 16.59
N VAL A 134 15.89 4.54 15.32
CA VAL A 134 17.15 4.50 14.59
C VAL A 134 17.01 4.73 13.09
N GLY A 135 18.12 5.02 12.43
CA GLY A 135 18.09 5.26 10.99
C GLY A 135 19.31 6.02 10.53
N GLU A 136 19.08 7.16 9.87
CA GLU A 136 20.19 7.97 9.38
C GLU A 136 19.98 9.45 9.65
N GLY A 137 21.08 10.16 9.87
CA GLY A 137 21.00 11.58 10.12
C GLY A 137 22.36 12.16 9.80
N ARG A 138 22.58 13.41 10.19
CA ARG A 138 23.85 14.09 9.95
C ARG A 138 24.77 13.65 11.08
N ASP A 139 24.42 14.08 12.29
CA ASP A 139 25.17 13.80 13.50
C ASP A 139 24.59 12.63 14.30
N ASN A 140 23.27 12.46 14.23
CA ASN A 140 22.60 11.38 14.94
C ASN A 140 22.08 10.30 14.01
N PHE A 141 22.38 9.05 14.34
CA PHE A 141 21.93 7.93 13.55
C PHE A 141 20.88 7.15 14.36
N GLY A 142 20.45 7.75 15.46
CA GLY A 142 19.44 7.12 16.30
C GLY A 142 19.37 7.71 17.70
N VAL A 143 18.32 7.35 18.44
CA VAL A 143 18.14 7.86 19.80
C VAL A 143 17.43 6.87 20.72
N PHE A 144 17.48 7.15 22.02
CA PHE A 144 16.82 6.35 23.04
C PHE A 144 15.97 7.37 23.79
N ILE A 145 14.66 7.22 23.72
CA ILE A 145 13.78 8.19 24.38
C ILE A 145 12.56 7.58 25.05
N SER A 146 12.00 8.35 25.99
CA SER A 146 10.81 7.93 26.71
C SER A 146 9.65 8.14 25.75
N TRP A 147 8.70 7.21 25.75
CA TRP A 147 7.55 7.27 24.86
C TRP A 147 6.62 8.47 25.00
N ASP A 148 6.48 8.97 26.23
CA ASP A 148 5.57 10.08 26.47
C ASP A 148 6.24 11.46 26.45
N SER A 149 7.43 11.58 27.01
CA SER A 149 8.13 12.88 27.04
C SER A 149 9.02 13.07 25.83
N GLY A 150 9.93 12.12 25.61
CA GLY A 150 10.85 12.21 24.50
C GLY A 150 12.22 12.57 25.01
N ASN A 151 12.38 12.58 26.32
CA ASN A 151 13.67 12.90 26.93
C ASN A 151 14.65 11.76 26.71
N SER A 152 15.89 12.11 26.40
CA SER A 152 16.91 11.10 26.14
C SER A 152 17.10 10.12 27.31
N LEU A 153 17.08 8.84 26.98
CA LEU A 153 17.28 7.78 27.97
C LEU A 153 18.56 7.03 27.63
N GLY A 154 19.40 7.67 26.82
CA GLY A 154 20.65 7.05 26.42
C GLY A 154 21.26 7.74 25.22
N GLU A 155 22.23 7.10 24.57
CA GLU A 155 22.88 7.67 23.40
C GLU A 155 23.33 6.64 22.39
N VAL A 156 22.83 6.77 21.16
CA VAL A 156 23.22 5.86 20.10
C VAL A 156 24.63 6.24 19.65
N SER A 157 25.54 5.27 19.68
CA SER A 157 26.93 5.52 19.29
C SER A 157 27.60 4.31 18.64
N GLY A 158 28.78 4.55 18.07
CA GLY A 158 29.54 3.48 17.44
C GLY A 158 29.30 3.32 15.94
N HIS A 159 28.35 4.08 15.41
CA HIS A 159 28.02 4.02 13.99
C HIS A 159 28.35 5.34 13.29
N SER A 160 28.96 5.25 12.11
CA SER A 160 29.29 6.44 11.35
C SER A 160 28.40 6.42 10.10
N GLN A 161 27.88 5.24 9.80
CA GLN A 161 27.02 5.02 8.65
C GLN A 161 25.59 4.74 9.12
N ARG A 162 24.65 4.72 8.19
CA ARG A 162 23.24 4.46 8.50
C ARG A 162 23.02 3.26 9.41
N ILE A 163 22.08 3.37 10.34
CA ILE A 163 21.75 2.26 11.22
C ILE A 163 20.53 1.61 10.58
N ASN A 164 20.57 0.29 10.43
CA ASN A 164 19.46 -0.43 9.80
C ASN A 164 18.41 -0.96 10.75
N ALA A 165 18.84 -1.60 11.84
CA ALA A 165 17.90 -2.16 12.78
C ALA A 165 18.37 -2.08 14.23
N CYS A 166 17.42 -2.15 15.16
CA CYS A 166 17.76 -2.15 16.58
C CYS A 166 16.78 -3.01 17.31
N HIS A 167 17.16 -3.39 18.52
CA HIS A 167 16.28 -4.17 19.34
C HIS A 167 16.66 -4.04 20.79
N LEU A 168 15.64 -4.05 21.62
CA LEU A 168 15.82 -3.94 23.04
C LEU A 168 15.57 -5.31 23.65
N LYS A 169 16.57 -5.80 24.36
CA LYS A 169 16.44 -7.06 25.05
C LYS A 169 15.14 -6.83 25.80
N GLN A 170 14.18 -7.74 25.67
CA GLN A 170 12.89 -7.58 26.33
C GLN A 170 12.87 -8.09 27.76
N SER A 171 13.87 -7.69 28.53
CA SER A 171 13.96 -8.11 29.92
C SER A 171 15.14 -7.45 30.61
N ARG A 172 15.05 -7.39 31.94
CA ARG A 172 16.11 -6.78 32.73
C ARG A 172 17.18 -7.85 33.01
N PRO A 173 18.46 -7.45 33.11
CA PRO A 173 19.01 -6.10 32.98
C PRO A 173 18.83 -5.72 31.52
N MET A 174 18.27 -4.55 31.25
CA MET A 174 18.07 -4.15 29.88
C MET A 174 19.38 -4.02 29.11
N ARG A 175 19.30 -4.32 27.82
CA ARG A 175 20.44 -4.25 26.92
C ARG A 175 19.88 -3.93 25.56
N SER A 176 20.69 -3.36 24.69
CA SER A 176 20.21 -3.01 23.37
C SER A 176 21.22 -3.33 22.29
N MET A 177 20.76 -3.25 21.04
CA MET A 177 21.62 -3.54 19.89
C MET A 177 21.21 -2.73 18.69
N THR A 178 22.18 -2.08 18.07
CA THR A 178 21.92 -1.33 16.87
C THR A 178 22.88 -1.97 15.89
N VAL A 179 22.52 -1.93 14.62
CA VAL A 179 23.31 -2.58 13.59
C VAL A 179 23.05 -1.88 12.26
N GLY A 180 24.08 -1.75 11.42
CA GLY A 180 23.89 -1.08 10.14
C GLY A 180 24.99 -1.29 9.11
N ASP A 181 25.18 -0.28 8.27
CA ASP A 181 26.18 -0.34 7.20
C ASP A 181 27.62 -0.48 7.67
N ASP A 182 28.44 -1.07 6.79
CA ASP A 182 29.86 -1.31 7.05
C ASP A 182 30.03 -2.30 8.19
N GLY A 183 29.31 -3.41 8.10
CA GLY A 183 29.37 -4.45 9.12
C GLY A 183 29.47 -3.96 10.55
N SER A 184 28.77 -2.87 10.86
CA SER A 184 28.81 -2.34 12.22
C SER A 184 27.71 -2.88 13.13
N VAL A 185 28.14 -3.34 14.29
CA VAL A 185 27.28 -3.91 15.32
C VAL A 185 27.69 -3.31 16.66
N VAL A 186 26.75 -2.67 17.36
CA VAL A 186 27.05 -2.07 18.65
C VAL A 186 26.15 -2.61 19.75
N PHE A 187 26.74 -2.78 20.94
CA PHE A 187 26.03 -3.27 22.11
C PHE A 187 25.94 -2.16 23.14
N TYR A 188 24.81 -2.08 23.83
CA TYR A 188 24.60 -1.07 24.85
C TYR A 188 24.14 -1.73 26.13
N GLN A 189 24.22 -1.00 27.23
CA GLN A 189 23.79 -1.52 28.52
C GLN A 189 22.63 -0.75 29.14
N GLY A 190 21.69 -1.54 29.67
CA GLY A 190 21.24 0.01 30.27
C GLY A 190 19.94 -0.28 31.00
N PRO A 191 19.18 0.80 31.30
CA PRO A 191 18.43 1.92 31.58
C PRO A 191 19.51 2.80 32.19
N PRO A 192 20.00 3.79 31.41
CA PRO A 192 20.52 4.86 30.58
C PRO A 192 21.41 4.15 29.58
N PHE A 193 20.80 3.74 28.48
CA PHE A 193 21.53 3.02 27.47
C PHE A 193 22.74 3.80 27.04
N LYS A 194 23.89 3.14 27.14
CA LYS A 194 25.14 3.77 26.77
C LYS A 194 26.00 2.74 26.07
N PHE A 195 26.84 3.23 25.17
CA PHE A 195 27.75 2.37 24.44
C PHE A 195 28.41 1.41 25.43
N SER A 196 28.39 0.12 25.12
CA SER A 196 29.02 -0.86 25.99
C SER A 196 30.18 -1.49 25.26
N ALA A 197 29.86 -2.10 24.12
CA ALA A 197 30.87 -2.76 23.30
C ALA A 197 30.57 -2.56 21.81
N SER A 198 31.59 -2.73 20.99
CA SER A 198 31.46 -2.58 19.55
C SER A 198 32.06 -3.79 18.85
N ASP A 199 31.66 -4.00 17.60
CA ASP A 199 32.17 -5.14 16.84
C ASP A 199 32.21 -4.86 15.34
N ARG A 200 33.38 -5.07 14.74
CA ARG A 200 33.55 -4.86 13.31
C ARG A 200 34.43 -5.93 12.69
N THR A 201 34.39 -7.12 13.28
CA THR A 201 35.20 -8.23 12.82
C THR A 201 34.40 -9.45 12.38
N HIS A 202 33.19 -9.60 12.89
CA HIS A 202 32.36 -10.75 12.56
C HIS A 202 31.43 -10.59 11.36
N HIS A 203 31.28 -9.36 10.86
CA HIS A 203 30.48 -9.10 9.67
C HIS A 203 31.42 -8.33 8.78
N LYS A 204 31.53 -8.76 7.53
CA LYS A 204 32.44 -8.13 6.58
C LYS A 204 32.26 -6.61 6.45
N GLN A 205 33.39 -5.90 6.49
CA GLN A 205 33.39 -4.45 6.36
C GLN A 205 32.59 -4.16 5.09
N GLY A 206 32.00 -2.98 5.02
CA GLY A 206 31.23 -2.62 3.84
C GLY A 206 29.94 -3.38 3.62
N SER A 207 29.69 -4.42 4.42
CA SER A 207 28.47 -5.20 4.26
C SER A 207 27.33 -4.50 4.97
N PHE A 208 26.11 -5.01 4.76
CA PHE A 208 24.95 -4.43 5.40
C PHE A 208 24.40 -5.41 6.42
N VAL A 209 24.41 -5.04 7.69
CA VAL A 209 23.85 -5.89 8.72
C VAL A 209 22.44 -5.29 8.75
N ARG A 210 21.46 -6.09 8.37
CA ARG A 210 20.08 -5.61 8.25
C ARG A 210 19.06 -5.85 9.35
N ASP A 211 19.35 -6.74 10.29
CA ASP A 211 18.38 -6.99 11.33
C ASP A 211 19.07 -7.60 12.54
N VAL A 212 18.50 -7.36 13.71
CA VAL A 212 19.05 -7.88 14.93
C VAL A 212 17.88 -8.16 15.85
N GLU A 213 18.00 -9.19 16.69
CA GLU A 213 16.91 -9.51 17.60
C GLU A 213 17.34 -10.43 18.73
N PHE A 214 16.98 -10.04 19.95
CA PHE A 214 17.30 -10.84 21.12
C PHE A 214 16.26 -11.94 21.23
N SER A 215 16.68 -13.10 21.71
CA SER A 215 15.78 -14.24 21.89
C SER A 215 14.73 -13.86 22.94
N PRO A 216 13.51 -14.40 22.83
CA PRO A 216 12.44 -14.09 23.78
C PRO A 216 12.81 -14.45 25.21
N ASP A 217 11.87 -14.27 26.11
CA ASP A 217 12.05 -14.57 27.53
C ASP A 217 13.18 -13.76 28.18
N SER A 218 14.29 -14.43 28.47
CA SER A 218 15.42 -13.77 29.11
C SER A 218 16.46 -13.26 28.13
N GLY A 219 16.24 -13.48 26.84
CA GLY A 219 17.18 -13.03 25.83
C GLY A 219 18.61 -13.47 26.14
N GLU A 220 18.83 -14.78 26.18
CA GLU A 220 20.17 -15.28 26.47
C GLU A 220 21.11 -15.08 25.29
N PHE A 221 20.54 -14.77 24.12
CA PHE A 221 21.35 -14.54 22.94
C PHE A 221 20.85 -13.35 22.15
N VAL A 222 21.70 -12.89 21.24
CA VAL A 222 21.36 -11.78 20.35
C VAL A 222 21.91 -12.23 19.02
N ILE A 223 21.13 -12.05 17.96
CA ILE A 223 21.59 -12.46 16.65
C ILE A 223 21.45 -11.32 15.66
N THR A 224 22.47 -11.17 14.82
CA THR A 224 22.50 -10.14 13.79
C THR A 224 22.64 -10.83 12.44
N VAL A 225 22.13 -10.20 11.39
CA VAL A 225 22.21 -10.77 10.05
C VAL A 225 22.34 -9.69 8.99
N GLY A 226 22.83 -10.06 7.81
CA GLY A 226 23.01 -9.08 6.75
C GLY A 226 23.42 -9.65 5.41
N SER A 227 23.92 -8.76 4.55
CA SER A 227 24.34 -9.10 3.19
C SER A 227 25.50 -10.08 3.04
N ASP A 228 26.32 -10.23 4.07
CA ASP A 228 27.44 -11.17 3.97
C ASP A 228 27.02 -12.60 4.25
N ARG A 229 25.71 -12.82 4.34
CA ARG A 229 25.16 -14.15 4.58
C ARG A 229 25.61 -14.76 5.90
N LYS A 230 26.07 -13.91 6.82
CA LYS A 230 26.54 -14.40 8.11
C LYS A 230 25.46 -14.22 9.15
N ILE A 231 25.37 -15.20 10.05
CA ILE A 231 24.43 -15.17 11.16
C ILE A 231 25.35 -15.21 12.37
N SER A 232 25.53 -14.07 13.02
CA SER A 232 26.39 -13.98 14.19
C SER A 232 25.56 -14.16 15.43
N CYS A 233 26.07 -14.93 16.38
CA CYS A 233 25.37 -15.20 17.62
C CYS A 233 26.14 -14.65 18.82
N PHE A 234 25.57 -13.65 19.49
CA PHE A 234 26.18 -13.02 20.66
C PHE A 234 25.42 -13.43 21.93
N ASP A 235 26.04 -13.18 23.09
CA ASP A 235 25.41 -13.48 24.37
C ASP A 235 24.60 -12.27 24.81
N GLY A 236 23.33 -12.50 25.12
CA GLY A 236 22.44 -11.42 25.52
C GLY A 236 22.81 -10.51 26.68
N LYS A 237 23.73 -10.93 27.54
CA LYS A 237 24.10 -10.06 28.64
C LYS A 237 25.41 -9.35 28.39
N SER A 238 26.47 -10.12 28.16
CA SER A 238 27.80 -9.58 27.91
C SER A 238 27.92 -8.99 26.50
N GLY A 239 27.21 -9.58 25.56
CA GLY A 239 27.27 -9.10 24.19
C GLY A 239 28.50 -9.67 23.49
N GLU A 240 29.16 -10.61 24.15
CA GLU A 240 30.35 -11.26 23.60
C GLU A 240 29.92 -12.15 22.45
N PHE A 241 30.69 -12.14 21.36
CA PHE A 241 30.38 -12.98 20.21
C PHE A 241 30.53 -14.42 20.64
N LEU A 242 29.49 -15.22 20.45
CA LEU A 242 29.51 -16.63 20.83
C LEU A 242 29.96 -17.55 19.71
N LYS A 243 29.34 -17.40 18.54
CA LYS A 243 29.65 -18.24 17.39
C LYS A 243 28.81 -17.82 16.19
N TYR A 244 29.09 -18.42 15.04
CA TYR A 244 28.32 -18.15 13.85
C TYR A 244 27.34 -19.31 13.82
N ILE A 245 26.15 -19.09 13.29
CA ILE A 245 25.18 -20.16 13.20
C ILE A 245 25.28 -20.72 11.79
N GLU A 246 25.89 -21.88 11.66
CA GLU A 246 26.06 -22.50 10.36
C GLU A 246 25.87 -24.01 10.42
N ASP A 247 25.25 -24.54 9.37
CA ASP A 247 24.99 -25.96 9.24
C ASP A 247 25.52 -26.40 7.88
N ASP A 248 26.44 -27.35 7.90
CA ASP A 248 27.07 -27.87 6.69
C ASP A 248 26.06 -28.27 5.59
N GLN A 249 24.88 -28.71 6.00
CA GLN A 249 23.85 -29.14 5.06
C GLN A 249 22.91 -28.02 4.62
N GLU A 250 23.20 -26.79 5.04
CA GLU A 250 22.36 -25.64 4.69
C GLU A 250 23.13 -24.35 4.45
N PRO A 251 23.95 -24.30 3.38
CA PRO A 251 24.72 -23.08 3.07
C PRO A 251 23.74 -21.97 2.72
N VAL A 252 24.00 -20.78 3.23
CA VAL A 252 23.15 -19.64 2.92
C VAL A 252 23.68 -19.10 1.60
N GLN A 253 22.85 -19.15 0.57
CA GLN A 253 23.27 -18.72 -0.76
C GLN A 253 22.84 -17.33 -1.20
N GLY A 254 22.49 -16.49 -0.23
CA GLY A 254 22.08 -15.13 -0.56
C GLY A 254 22.11 -14.24 0.66
N GLY A 255 22.14 -12.93 0.42
CA GLY A 255 22.15 -12.00 1.53
C GLY A 255 20.90 -12.16 2.37
N ILE A 256 21.04 -12.01 3.68
CA ILE A 256 19.91 -12.14 4.58
C ILE A 256 19.32 -10.76 4.86
N PHE A 257 17.99 -10.68 4.88
CA PHE A 257 17.32 -9.42 5.12
C PHE A 257 16.68 -9.30 6.50
N ALA A 258 16.20 -10.41 7.05
CA ALA A 258 15.55 -10.35 8.35
C ALA A 258 15.51 -11.65 9.13
N LEU A 259 15.26 -11.54 10.44
CA LEU A 259 15.17 -12.71 11.32
C LEU A 259 14.08 -12.49 12.36
N SER A 260 13.59 -13.57 12.93
CA SER A 260 12.53 -13.49 13.94
C SER A 260 12.50 -14.74 14.78
N TRP A 261 12.54 -14.58 16.10
CA TRP A 261 12.52 -15.74 16.99
C TRP A 261 11.11 -16.33 17.15
N LEU A 262 11.01 -17.64 17.03
CA LEU A 262 9.73 -18.35 17.19
C LEU A 262 9.53 -18.55 18.68
N ASP A 263 10.64 -18.81 19.36
CA ASP A 263 10.66 -19.00 20.80
C ASP A 263 12.11 -18.81 21.24
N SER A 264 12.41 -19.18 22.48
CA SER A 264 13.76 -19.00 23.02
C SER A 264 14.86 -19.83 22.35
N GLN A 265 14.50 -20.81 21.54
CA GLN A 265 15.50 -21.65 20.90
C GLN A 265 15.54 -21.60 19.39
N LYS A 266 14.40 -21.35 18.76
CA LYS A 266 14.34 -21.31 17.31
C LYS A 266 14.01 -19.97 16.70
N PHE A 267 14.68 -19.65 15.60
CA PHE A 267 14.46 -18.39 14.92
C PHE A 267 14.52 -18.58 13.42
N ALA A 268 13.81 -17.73 12.69
CA ALA A 268 13.77 -17.82 11.25
C ALA A 268 14.63 -16.77 10.57
N THR A 269 15.07 -17.06 9.36
CA THR A 269 15.83 -16.08 8.60
C THR A 269 15.25 -16.12 7.21
N VAL A 270 15.48 -15.06 6.46
CA VAL A 270 14.92 -14.98 5.14
C VAL A 270 15.80 -14.03 4.34
N GLY A 271 15.95 -14.30 3.05
CA GLY A 271 16.80 -13.44 2.24
C GLY A 271 16.67 -13.60 0.73
N ALA A 272 17.63 -13.00 0.02
CA ALA A 272 17.66 -13.00 -1.44
C ALA A 272 17.63 -14.35 -2.15
N ASP A 273 17.94 -15.43 -1.43
CA ASP A 273 17.94 -16.75 -2.06
C ASP A 273 16.57 -17.41 -1.98
N ALA A 274 15.53 -16.57 -2.01
CA ALA A 274 14.14 -17.00 -1.95
C ALA A 274 13.95 -18.19 -1.00
N THR A 275 14.58 -18.12 0.16
CA THR A 275 14.47 -19.21 1.11
C THR A 275 14.12 -18.70 2.50
N ILE A 276 13.32 -19.50 3.20
CA ILE A 276 12.90 -19.22 4.55
C ILE A 276 13.47 -20.38 5.35
N ARG A 277 14.46 -20.09 6.20
CA ARG A 277 15.11 -21.14 7.00
C ARG A 277 14.84 -21.01 8.49
N VAL A 278 14.74 -22.15 9.17
CA VAL A 278 14.51 -22.15 10.61
C VAL A 278 15.70 -22.78 11.32
N TRP A 279 16.27 -22.04 12.26
CA TRP A 279 17.43 -22.50 13.00
C TRP A 279 17.20 -22.74 14.49
N ASP A 280 18.09 -23.56 15.07
CA ASP A 280 18.07 -23.89 16.49
C ASP A 280 19.41 -23.35 16.95
N VAL A 281 19.40 -22.29 17.76
CA VAL A 281 20.64 -21.68 18.25
C VAL A 281 21.61 -22.66 18.89
N THR A 282 21.08 -23.58 19.68
CA THR A 282 21.89 -24.56 20.38
C THR A 282 22.70 -25.46 19.46
N THR A 283 22.01 -26.15 18.55
CA THR A 283 22.67 -27.05 17.62
C THR A 283 23.24 -26.37 16.39
N SER A 284 22.76 -25.16 16.10
CA SER A 284 23.22 -24.42 14.94
C SER A 284 22.87 -25.18 13.66
N LYS A 285 21.85 -26.02 13.74
CA LYS A 285 21.40 -26.77 12.57
C LYS A 285 20.14 -26.11 12.05
N CYS A 286 19.96 -26.15 10.72
CA CYS A 286 18.77 -25.59 10.12
C CYS A 286 17.77 -26.72 10.25
N VAL A 287 16.72 -26.47 11.02
CA VAL A 287 15.69 -27.46 11.30
C VAL A 287 14.57 -27.55 10.28
N GLN A 288 14.37 -26.49 9.52
CA GLN A 288 13.32 -26.47 8.51
C GLN A 288 13.64 -25.46 7.44
N LYS A 289 13.27 -25.79 6.20
CA LYS A 289 13.54 -24.90 5.08
C LYS A 289 12.32 -24.86 4.18
N TRP A 290 12.13 -23.71 3.53
CA TRP A 290 11.03 -23.50 2.60
C TRP A 290 11.66 -22.69 1.48
N THR A 291 11.38 -23.08 0.25
CA THR A 291 11.95 -22.41 -0.91
C THR A 291 10.88 -21.91 -1.88
N LEU A 292 11.28 -20.99 -2.73
CA LEU A 292 10.41 -20.44 -3.78
C LEU A 292 11.31 -20.40 -5.01
N ASP A 293 10.73 -20.36 -6.20
CA ASP A 293 11.53 -20.31 -7.42
C ASP A 293 12.54 -19.17 -7.37
N LYS A 294 13.82 -19.52 -7.37
CA LYS A 294 14.89 -18.51 -7.34
C LYS A 294 14.92 -17.71 -8.62
N GLN A 295 14.44 -18.30 -9.71
CA GLN A 295 14.45 -17.65 -11.01
C GLN A 295 13.56 -16.41 -11.16
N GLN A 296 12.71 -16.15 -10.16
CA GLN A 296 11.85 -14.98 -10.22
C GLN A 296 12.21 -13.95 -9.15
N LEU A 297 12.62 -12.78 -9.62
CA LEU A 297 13.02 -11.68 -8.73
C LEU A 297 12.03 -11.44 -7.59
N GLY A 298 10.74 -11.53 -7.88
CA GLY A 298 9.73 -11.30 -6.86
C GLY A 298 9.73 -12.24 -5.67
N ASN A 299 10.42 -13.37 -5.76
CA ASN A 299 10.42 -14.32 -4.66
C ASN A 299 11.44 -14.05 -3.57
N GLN A 300 12.31 -13.07 -3.77
CA GLN A 300 13.28 -12.75 -2.73
C GLN A 300 12.49 -12.42 -1.48
N GLN A 301 12.96 -12.91 -0.34
CA GLN A 301 12.28 -12.67 0.92
C GLN A 301 12.85 -11.45 1.64
N VAL A 302 12.05 -10.40 1.64
CA VAL A 302 12.40 -9.10 2.21
C VAL A 302 11.99 -8.86 3.67
N GLY A 303 11.27 -9.80 4.25
CA GLY A 303 10.86 -9.64 5.64
C GLY A 303 10.31 -10.92 6.25
N VAL A 304 10.21 -10.94 7.58
CA VAL A 304 9.70 -12.12 8.26
C VAL A 304 9.32 -11.83 9.70
N VAL A 305 8.36 -12.58 10.21
CA VAL A 305 7.93 -12.39 11.58
C VAL A 305 7.22 -13.65 12.07
N ALA A 306 7.64 -14.13 13.23
CA ALA A 306 7.06 -15.33 13.83
C ALA A 306 5.76 -14.92 14.49
N THR A 307 4.71 -15.70 14.29
CA THR A 307 3.41 -15.38 14.84
C THR A 307 2.91 -16.34 15.91
N GLY A 308 3.82 -17.08 16.51
CA GLY A 308 3.45 -18.01 17.56
C GLY A 308 3.19 -19.46 17.19
N ASN A 309 3.52 -20.35 18.12
CA ASN A 309 3.32 -21.77 17.95
C ASN A 309 3.87 -22.33 16.65
N GLY A 310 5.06 -21.86 16.27
CA GLY A 310 5.67 -22.35 15.05
C GLY A 310 5.26 -21.63 13.78
N ARG A 311 4.22 -20.82 13.84
CA ARG A 311 3.74 -20.08 12.67
C ARG A 311 4.71 -18.96 12.30
N ILE A 312 5.02 -18.85 11.01
CA ILE A 312 5.94 -17.85 10.51
C ILE A 312 5.36 -17.16 9.29
N ILE A 313 5.59 -15.85 9.17
CA ILE A 313 5.09 -15.14 8.00
C ILE A 313 6.27 -14.52 7.27
N SER A 314 6.38 -14.82 5.98
CA SER A 314 7.46 -14.32 5.16
C SER A 314 6.96 -13.26 4.18
N LEU A 315 7.78 -12.26 3.90
CA LEU A 315 7.41 -11.19 2.98
C LEU A 315 8.25 -11.25 1.71
N SER A 316 7.59 -11.31 0.56
CA SER A 316 8.26 -11.37 -0.72
C SER A 316 8.52 -9.98 -1.29
N LEU A 317 9.58 -9.85 -2.07
CA LEU A 317 9.90 -8.58 -2.67
C LEU A 317 8.67 -8.07 -3.43
N ASP A 318 7.90 -8.98 -4.02
CA ASP A 318 6.70 -8.57 -4.75
C ASP A 318 5.55 -8.18 -3.82
N GLY A 319 5.84 -8.09 -2.54
CA GLY A 319 4.83 -7.69 -1.57
C GLY A 319 3.94 -8.82 -1.06
N THR A 320 4.08 -10.00 -1.63
CA THR A 320 3.27 -11.13 -1.20
C THR A 320 3.61 -11.57 0.23
N LEU A 321 2.60 -12.02 0.96
CA LEU A 321 2.78 -12.50 2.33
C LEU A 321 2.65 -14.02 2.28
N ASN A 322 3.71 -14.69 2.72
CA ASN A 322 3.79 -16.15 2.73
C ASN A 322 3.65 -16.76 4.12
N PHE A 323 2.59 -17.56 4.31
CA PHE A 323 2.36 -18.22 5.60
C PHE A 323 2.94 -19.62 5.70
N TYR A 324 3.78 -19.84 6.71
CA TYR A 324 4.40 -21.15 6.94
C TYR A 324 4.23 -21.58 8.38
N GLU A 325 4.40 -22.88 8.61
CA GLU A 325 4.30 -23.44 9.95
C GLU A 325 5.36 -24.52 10.15
N LEU A 326 6.11 -24.38 11.24
CA LEU A 326 7.17 -25.33 11.58
C LEU A 326 6.60 -26.74 11.64
N GLY A 327 7.19 -27.66 10.87
CA GLY A 327 6.74 -29.04 10.87
C GLY A 327 5.95 -29.44 9.63
N HIS A 328 5.54 -28.43 8.88
CA HIS A 328 4.78 -28.63 7.66
C HIS A 328 5.60 -28.09 6.49
N ASP A 329 6.11 -29.00 5.65
CA ASP A 329 6.95 -28.64 4.51
C ASP A 329 6.30 -27.85 3.38
N GLU A 330 4.99 -27.67 3.43
CA GLU A 330 4.31 -26.95 2.37
C GLU A 330 3.84 -25.59 2.85
N VAL A 331 3.78 -24.65 1.92
CA VAL A 331 3.33 -23.30 2.25
C VAL A 331 1.82 -23.36 2.49
N LEU A 332 1.40 -22.89 3.64
CA LEU A 332 -0.02 -22.91 4.03
C LEU A 332 -0.96 -22.06 3.22
N LYS A 333 -0.48 -20.89 2.80
CA LYS A 333 -1.33 -19.98 2.06
C LYS A 333 -0.53 -18.75 1.68
N THR A 334 -0.98 -18.06 0.64
CA THR A 334 -0.31 -16.86 0.19
C THR A 334 -1.32 -15.72 0.07
N ILE A 335 -0.89 -14.51 0.38
CA ILE A 335 -1.76 -13.34 0.30
C ILE A 335 -1.10 -12.25 -0.54
N SER A 336 -1.72 -11.94 -1.67
CA SER A 336 -1.17 -10.93 -2.55
C SER A 336 -2.03 -9.67 -2.65
N GLY A 337 -1.47 -8.65 -3.29
CA GLY A 337 -2.17 -7.40 -3.45
C GLY A 337 -1.23 -6.29 -3.88
N HIS A 338 -1.74 -5.07 -3.90
CA HIS A 338 -0.98 -3.88 -4.29
C HIS A 338 -0.27 -3.18 -3.14
N ASN A 339 0.82 -2.49 -3.43
CA ASN A 339 1.52 -1.71 -2.41
C ASN A 339 1.80 -0.33 -2.99
N LYS A 340 1.10 -0.04 -4.09
CA LYS A 340 1.20 1.23 -4.80
C LYS A 340 -0.20 1.75 -5.09
N GLY A 341 -0.35 3.07 -5.09
CA GLY A 341 -1.63 3.69 -5.35
C GLY A 341 -2.42 3.00 -6.47
N ILE A 342 -3.72 2.89 -6.27
CA ILE A 342 -4.60 2.24 -7.24
C ILE A 342 -5.16 3.26 -8.22
N THR A 343 -4.95 3.01 -9.50
CA THR A 343 -5.36 3.94 -10.55
C THR A 343 -6.43 3.47 -11.53
N ALA A 344 -6.79 2.19 -11.48
CA ALA A 344 -7.80 1.66 -12.38
C ALA A 344 -8.66 0.65 -11.62
N LEU A 345 -9.95 0.64 -11.92
CA LEU A 345 -10.88 -0.24 -11.22
C LEU A 345 -11.98 -0.80 -12.12
N THR A 346 -12.34 -2.06 -11.87
CA THR A 346 -13.41 -2.71 -12.61
C THR A 346 -14.26 -3.47 -11.59
N VAL A 347 -15.52 -3.77 -11.93
CA VAL A 347 -16.40 -4.45 -11.00
C VAL A 347 -17.25 -5.55 -11.65
N ASN A 348 -17.47 -6.64 -10.91
CA ASN A 348 -18.27 -7.77 -11.39
C ASN A 348 -17.67 -8.41 -12.65
N PRO A 349 -16.50 -9.05 -12.54
CA PRO A 349 -15.65 -9.26 -11.38
C PRO A 349 -14.72 -8.09 -11.05
N LEU A 350 -14.37 -8.00 -9.77
CA LEU A 350 -13.52 -6.94 -9.27
C LEU A 350 -12.05 -7.08 -9.68
N ILE A 351 -11.54 -6.07 -10.37
CA ILE A 351 -10.15 -6.05 -10.81
C ILE A 351 -9.59 -4.67 -10.51
N SER A 352 -8.35 -4.62 -10.08
CA SER A 352 -7.70 -3.36 -9.75
C SER A 352 -6.29 -3.27 -10.31
N GLY A 353 -5.87 -2.05 -10.62
CA GLY A 353 -4.54 -1.82 -11.15
C GLY A 353 -3.93 -0.59 -10.49
N SER A 354 -2.65 -0.66 -10.14
CA SER A 354 -1.96 0.46 -9.49
C SER A 354 -0.99 1.18 -10.44
N TYR A 355 -0.36 2.25 -9.96
CA TYR A 355 0.55 3.02 -10.79
C TYR A 355 1.91 2.39 -11.08
N ASP A 356 2.07 1.12 -10.73
CA ASP A 356 3.32 0.42 -11.01
C ASP A 356 3.00 -0.61 -12.10
N GLY A 357 1.73 -0.64 -12.51
CA GLY A 357 1.31 -1.56 -13.55
C GLY A 357 0.82 -2.90 -13.05
N ARG A 358 0.83 -3.10 -11.73
CA ARG A 358 0.38 -4.37 -11.17
C ARG A 358 -1.14 -4.41 -11.27
N ILE A 359 -1.66 -5.59 -11.57
CA ILE A 359 -3.10 -5.76 -11.68
C ILE A 359 -3.52 -6.90 -10.77
N MET A 360 -4.67 -6.73 -10.13
CA MET A 360 -5.16 -7.73 -9.21
C MET A 360 -6.53 -8.27 -9.58
N GLU A 361 -6.59 -9.58 -9.77
CA GLU A 361 -7.84 -10.25 -10.10
C GLU A 361 -8.31 -10.87 -8.80
N TRP A 362 -9.25 -10.21 -8.14
CA TRP A 362 -9.74 -10.69 -6.86
C TRP A 362 -10.62 -11.93 -6.92
N SER A 363 -11.21 -12.22 -8.07
CA SER A 363 -12.07 -13.39 -8.18
C SER A 363 -11.26 -14.69 -8.22
N SER A 364 -9.95 -14.57 -8.45
CA SER A 364 -9.10 -15.75 -8.52
C SER A 364 -7.80 -15.54 -7.76
N SER A 365 -7.74 -14.45 -7.00
CA SER A 365 -6.54 -14.13 -6.23
C SER A 365 -5.30 -14.13 -7.12
N SER A 366 -5.46 -13.71 -8.37
CA SER A 366 -4.33 -13.67 -9.30
C SER A 366 -3.68 -12.29 -9.28
N MET A 367 -2.36 -12.25 -9.16
CA MET A 367 -1.64 -10.98 -9.15
C MET A 367 -0.70 -10.96 -10.35
N HIS A 368 -0.81 -9.90 -11.15
CA HIS A 368 -0.01 -9.75 -12.35
C HIS A 368 0.97 -8.60 -12.29
N GLN A 369 2.13 -8.80 -12.90
CA GLN A 369 3.16 -7.78 -12.99
C GLN A 369 3.60 -7.83 -14.45
N ASP A 370 2.61 -7.69 -15.32
CA ASP A 370 2.81 -7.71 -16.76
C ASP A 370 3.12 -6.32 -17.31
N HIS A 371 2.38 -5.31 -16.83
CA HIS A 371 2.64 -3.94 -17.23
C HIS A 371 3.75 -3.49 -16.29
N SER A 372 4.45 -2.43 -16.65
CA SER A 372 5.53 -1.94 -15.82
C SER A 372 5.38 -0.46 -15.50
N ASN A 373 4.15 0.02 -15.58
CA ASN A 373 3.85 1.42 -15.30
C ASN A 373 2.35 1.59 -15.14
N LEU A 374 1.96 2.73 -14.59
CA LEU A 374 0.57 3.07 -14.33
C LEU A 374 -0.49 2.43 -15.22
N ILE A 375 -1.56 1.94 -14.58
CA ILE A 375 -2.67 1.33 -15.32
C ILE A 375 -3.75 2.39 -15.55
N VAL A 376 -3.81 2.87 -16.78
CA VAL A 376 -4.77 3.89 -17.18
C VAL A 376 -6.20 3.39 -17.08
N SER A 377 -6.47 2.22 -17.66
CA SER A 377 -7.80 1.68 -17.63
C SER A 377 -7.88 0.15 -17.62
N LEU A 378 -9.06 -0.32 -17.27
CA LEU A 378 -9.39 -1.75 -17.20
C LEU A 378 -10.76 -1.94 -17.81
N ASP A 379 -10.94 -3.04 -18.54
CA ASP A 379 -12.22 -3.34 -19.17
C ASP A 379 -12.47 -4.83 -19.00
N ASN A 380 -13.58 -5.20 -18.38
CA ASN A 380 -13.89 -6.60 -18.18
C ASN A 380 -15.19 -7.01 -18.87
N SER A 381 -15.67 -6.16 -19.78
CA SER A 381 -16.91 -6.45 -20.49
C SER A 381 -16.97 -7.87 -21.08
N LYS A 382 -15.89 -8.33 -21.71
CA LYS A 382 -15.91 -9.67 -22.27
C LYS A 382 -15.78 -10.71 -21.16
N ALA A 383 -16.63 -11.72 -21.21
CA ALA A 383 -16.67 -12.78 -20.21
C ALA A 383 -15.34 -13.50 -19.94
N GLN A 384 -14.92 -13.43 -18.68
CA GLN A 384 -13.69 -14.08 -18.22
C GLN A 384 -12.39 -13.52 -18.78
N GLU A 385 -12.43 -12.27 -19.24
CA GLU A 385 -11.23 -11.67 -19.79
C GLU A 385 -11.18 -10.19 -19.44
N TYR A 386 -10.01 -9.59 -19.60
CA TYR A 386 -9.86 -8.18 -19.32
C TYR A 386 -8.88 -7.51 -20.26
N SER A 387 -9.12 -6.23 -20.51
CA SER A 387 -8.29 -5.43 -21.39
C SER A 387 -7.74 -4.28 -20.57
N SER A 388 -6.42 -4.14 -20.56
CA SER A 388 -5.77 -3.10 -19.78
C SER A 388 -4.87 -2.22 -20.63
N ILE A 389 -4.83 -0.93 -20.28
CA ILE A 389 -4.01 0.05 -20.98
C ILE A 389 -3.10 0.71 -19.96
N SER A 390 -1.83 0.84 -20.30
CA SER A 390 -0.85 1.40 -19.37
C SER A 390 0.10 2.47 -19.92
N TRP A 391 0.75 3.18 -19.01
CA TRP A 391 1.71 4.22 -19.38
C TRP A 391 2.97 3.59 -19.94
N ASP A 392 3.03 2.26 -19.97
CA ASP A 392 4.18 1.59 -20.54
C ASP A 392 3.93 1.46 -22.03
N ASP A 393 2.98 2.28 -22.49
CA ASP A 393 2.59 2.37 -23.89
C ASP A 393 2.04 1.12 -24.55
N THR A 394 1.43 0.22 -23.79
CA THR A 394 0.87 -0.99 -24.39
C THR A 394 -0.55 -1.25 -23.93
N LEU A 395 -1.25 -2.05 -24.71
CA LEU A 395 -2.62 -2.44 -24.39
C LEU A 395 -2.50 -3.95 -24.31
N LYS A 396 -2.78 -4.50 -23.14
CA LYS A 396 -2.68 -5.94 -22.96
C LYS A 396 -4.04 -6.58 -22.78
N VAL A 397 -4.15 -7.84 -23.19
CA VAL A 397 -5.38 -8.59 -23.06
C VAL A 397 -4.97 -9.87 -22.33
N ASN A 398 -5.41 -9.98 -21.09
CA ASN A 398 -5.05 -11.12 -20.25
C ASN A 398 -3.53 -11.20 -20.19
N GLY A 399 -2.92 -10.10 -19.78
CA GLY A 399 -1.47 -10.04 -19.66
C GLY A 399 -0.67 -10.15 -20.93
N ILE A 400 -1.35 -10.17 -22.09
CA ILE A 400 -0.66 -10.27 -23.37
C ILE A 400 -0.84 -9.01 -24.20
N THR A 401 0.27 -8.48 -24.70
CA THR A 401 0.25 -7.27 -25.51
C THR A 401 -0.43 -7.45 -26.87
N LYS A 402 -1.40 -6.59 -27.14
CA LYS A 402 -2.13 -6.61 -28.40
C LYS A 402 -2.07 -5.25 -29.10
N HIS A 403 -1.36 -4.31 -28.50
CA HIS A 403 -1.20 -2.98 -29.10
C HIS A 403 -0.08 -2.18 -28.47
N GLU A 404 0.73 -1.56 -29.32
CA GLU A 404 1.81 -0.72 -28.86
C GLU A 404 1.48 0.68 -29.33
N PHE A 405 1.33 1.60 -28.39
CA PHE A 405 0.98 2.97 -28.74
C PHE A 405 2.17 3.77 -29.22
N GLY A 406 1.94 4.59 -30.24
CA GLY A 406 2.99 5.43 -30.76
C GLY A 406 3.11 6.63 -29.85
N SER A 407 2.01 6.94 -29.16
CA SER A 407 1.96 8.06 -28.24
C SER A 407 1.36 7.62 -26.90
N GLN A 408 1.96 8.07 -25.81
CA GLN A 408 1.49 7.66 -24.48
C GLN A 408 0.01 7.94 -24.25
N PRO A 409 -0.70 6.96 -23.65
CA PRO A 409 -2.14 7.12 -23.36
C PRO A 409 -2.38 7.89 -22.07
N LYS A 410 -2.72 9.17 -22.20
CA LYS A 410 -2.98 10.02 -21.05
C LYS A 410 -4.07 9.41 -20.16
N VAL A 411 -5.27 9.26 -20.71
CA VAL A 411 -6.38 8.68 -19.97
C VAL A 411 -7.22 7.88 -20.96
N ALA A 412 -8.05 6.98 -20.45
CA ALA A 412 -8.89 6.15 -21.31
C ALA A 412 -10.24 5.82 -20.66
N SER A 413 -11.18 5.38 -21.48
CA SER A 413 -12.50 5.00 -21.01
C SER A 413 -13.11 3.95 -21.92
N ALA A 414 -13.61 2.87 -21.32
CA ALA A 414 -14.22 1.79 -22.07
C ALA A 414 -15.71 1.65 -21.76
N ASN A 415 -16.50 1.28 -22.77
CA ASN A 415 -17.93 1.09 -22.56
C ASN A 415 -18.21 -0.39 -22.31
N ASN A 416 -19.35 -0.90 -22.75
CA ASN A 416 -19.70 -2.30 -22.52
C ASN A 416 -19.63 -3.18 -23.76
N ASP A 417 -19.42 -2.55 -24.91
CA ASP A 417 -19.39 -3.27 -26.17
C ASP A 417 -18.00 -3.56 -26.71
N GLY A 418 -17.04 -3.78 -25.80
CA GLY A 418 -15.69 -4.08 -26.22
C GLY A 418 -14.93 -2.94 -26.88
N PHE A 419 -15.30 -1.71 -26.57
CA PHE A 419 -14.61 -0.56 -27.16
C PHE A 419 -13.96 0.32 -26.11
N THR A 420 -12.82 0.91 -26.47
CA THR A 420 -12.11 1.77 -25.54
C THR A 420 -11.66 3.04 -26.27
N ALA A 421 -11.99 4.18 -25.68
CA ALA A 421 -11.61 5.48 -26.24
C ALA A 421 -10.37 5.96 -25.51
N VAL A 422 -9.32 6.24 -26.25
CA VAL A 422 -8.08 6.69 -25.66
C VAL A 422 -7.64 8.07 -26.15
N LEU A 423 -7.10 8.85 -25.24
CA LEU A 423 -6.60 10.17 -25.57
C LEU A 423 -5.09 10.08 -25.34
N THR A 424 -4.32 10.50 -26.34
CA THR A 424 -2.87 10.42 -26.24
C THR A 424 -2.17 11.76 -26.05
N ASN A 425 -0.92 11.64 -25.61
CA ASN A 425 -0.04 12.76 -25.36
C ASN A 425 0.16 13.60 -26.61
N ASP A 426 -0.16 13.03 -27.77
CA ASP A 426 -0.01 13.75 -29.01
C ASP A 426 -1.31 14.42 -29.41
N ASP A 427 -2.29 14.35 -28.50
CA ASP A 427 -3.60 14.97 -28.67
C ASP A 427 -4.53 14.24 -29.64
N ASP A 428 -4.47 12.91 -29.64
CA ASP A 428 -5.32 12.11 -30.51
C ASP A 428 -6.39 11.36 -29.73
N LEU A 429 -7.57 11.20 -30.34
CA LEU A 429 -8.66 10.46 -29.72
C LEU A 429 -8.71 9.18 -30.53
N LEU A 430 -8.38 8.06 -29.89
CA LEU A 430 -8.41 6.78 -30.58
C LEU A 430 -9.54 5.94 -30.02
N ILE A 431 -10.09 5.08 -30.88
CA ILE A 431 -11.16 4.19 -30.48
C ILE A 431 -10.65 2.80 -30.79
N LEU A 432 -10.40 2.01 -29.75
CA LEU A 432 -9.88 0.67 -29.93
C LEU A 432 -10.86 -0.42 -29.59
N GLN A 433 -10.63 -1.60 -30.16
CA GLN A 433 -11.47 -2.75 -29.88
C GLN A 433 -10.73 -3.29 -28.67
N SER A 434 -11.27 -3.03 -27.49
CA SER A 434 -10.67 -3.46 -26.24
C SER A 434 -9.98 -4.81 -26.28
N PHE A 435 -10.57 -5.79 -26.96
CA PHE A 435 -9.97 -7.13 -26.98
C PHE A 435 -9.13 -7.65 -28.15
N THR A 436 -8.79 -6.78 -29.09
CA THR A 436 -7.93 -7.18 -30.20
C THR A 436 -6.79 -6.19 -30.24
N GLY A 437 -7.07 -5.01 -29.69
CA GLY A 437 -6.08 -3.95 -29.64
C GLY A 437 -6.08 -3.10 -30.89
N ASP A 438 -6.96 -3.41 -31.83
CA ASP A 438 -7.02 -2.66 -33.07
C ASP A 438 -7.66 -1.28 -32.93
N ILE A 439 -7.07 -0.31 -33.62
CA ILE A 439 -7.58 1.05 -33.64
C ILE A 439 -8.47 1.06 -34.88
N ILE A 440 -9.78 1.21 -34.68
CA ILE A 440 -10.70 1.22 -35.81
C ILE A 440 -11.03 2.61 -36.33
N LYS A 441 -10.80 3.63 -35.52
CA LYS A 441 -11.04 5.01 -35.93
C LYS A 441 -10.40 5.98 -34.96
N SER A 442 -10.01 7.14 -35.48
CA SER A 442 -9.33 8.14 -34.65
C SER A 442 -9.45 9.53 -35.26
N VAL A 443 -9.15 10.54 -34.44
CA VAL A 443 -9.23 11.92 -34.88
C VAL A 443 -8.28 12.80 -34.06
N ARG A 444 -7.63 13.76 -34.73
CA ARG A 444 -6.73 14.68 -34.06
C ARG A 444 -7.57 15.74 -33.35
N LEU A 445 -7.33 15.94 -32.06
CA LEU A 445 -8.08 16.93 -31.30
C LEU A 445 -7.47 18.32 -31.47
N ASN A 446 -8.32 19.34 -31.42
CA ASN A 446 -7.87 20.71 -31.59
C ASN A 446 -7.08 21.24 -30.38
N SER A 447 -7.07 20.48 -29.28
CA SER A 447 -6.32 20.87 -28.08
C SER A 447 -6.09 19.64 -27.22
N PRO A 448 -5.07 19.68 -26.34
CA PRO A 448 -4.86 18.49 -25.51
C PRO A 448 -6.13 18.15 -24.75
N GLY A 449 -6.36 16.85 -24.53
CA GLY A 449 -7.55 16.42 -23.83
C GLY A 449 -7.17 15.83 -22.48
N SER A 450 -7.92 16.18 -21.43
CA SER A 450 -7.61 15.69 -20.10
C SER A 450 -8.62 14.72 -19.48
N ALA A 451 -9.70 14.41 -20.21
CA ALA A 451 -10.70 13.48 -19.67
C ALA A 451 -11.62 12.88 -20.74
N VAL A 452 -11.96 11.60 -20.57
CA VAL A 452 -12.82 10.90 -21.51
C VAL A 452 -13.90 10.07 -20.84
N SER A 453 -15.03 9.95 -21.51
CA SER A 453 -16.14 9.14 -21.04
C SER A 453 -16.70 8.51 -22.30
N LEU A 454 -16.72 7.20 -22.33
CA LEU A 454 -17.23 6.50 -23.50
C LEU A 454 -18.51 5.76 -23.16
N SER A 455 -19.60 6.18 -23.79
CA SER A 455 -20.88 5.54 -23.58
C SER A 455 -21.13 4.66 -24.79
N GLN A 456 -22.34 4.14 -24.90
CA GLN A 456 -22.69 3.28 -26.01
C GLN A 456 -22.61 3.98 -27.37
N ASN A 457 -22.99 5.25 -27.43
CA ASN A 457 -22.96 5.96 -28.70
C ASN A 457 -22.21 7.28 -28.72
N TYR A 458 -21.72 7.72 -27.57
CA TYR A 458 -21.01 8.99 -27.52
C TYR A 458 -19.63 8.92 -26.90
N VAL A 459 -18.85 9.95 -27.19
CA VAL A 459 -17.50 10.09 -26.69
C VAL A 459 -17.36 11.52 -26.22
N ALA A 460 -17.37 11.73 -24.91
CA ALA A 460 -17.24 13.07 -24.35
C ALA A 460 -15.79 13.33 -23.95
N VAL A 461 -15.20 14.38 -24.53
CA VAL A 461 -13.81 14.72 -24.25
C VAL A 461 -13.65 16.09 -23.59
N GLY A 462 -12.90 16.14 -22.50
CA GLY A 462 -12.65 17.39 -21.83
C GLY A 462 -11.46 18.03 -22.51
N LEU A 463 -11.62 19.26 -22.98
CA LEU A 463 -10.54 19.95 -23.67
C LEU A 463 -9.87 21.03 -22.82
N GLU A 464 -8.54 20.98 -22.75
CA GLU A 464 -7.75 21.93 -21.99
C GLU A 464 -7.94 23.37 -22.46
N GLU A 465 -8.02 23.59 -23.77
CA GLU A 465 -8.20 24.95 -24.30
C GLU A 465 -9.64 25.36 -24.00
N GLY A 466 -9.81 26.29 -23.07
CA GLY A 466 -11.15 26.75 -22.72
C GLY A 466 -11.92 25.76 -21.86
N ASN A 467 -11.24 24.71 -21.42
CA ASN A 467 -11.84 23.68 -20.59
C ASN A 467 -13.25 23.36 -21.05
N THR A 468 -13.43 23.12 -22.34
CA THR A 468 -14.76 22.81 -22.84
C THR A 468 -14.95 21.32 -22.97
N ILE A 469 -16.20 20.92 -23.19
CA ILE A 469 -16.54 19.52 -23.35
C ILE A 469 -17.16 19.36 -24.72
N GLN A 470 -16.50 18.60 -25.58
CA GLN A 470 -16.98 18.34 -26.93
C GLN A 470 -17.47 16.89 -26.95
N VAL A 471 -18.63 16.65 -27.54
CA VAL A 471 -19.18 15.31 -27.58
C VAL A 471 -19.12 14.68 -28.98
N PHE A 472 -18.51 13.52 -29.07
CA PHE A 472 -18.40 12.83 -30.36
C PHE A 472 -19.41 11.71 -30.52
N LYS A 473 -19.68 11.38 -31.78
CA LYS A 473 -20.58 10.30 -32.11
C LYS A 473 -19.60 9.14 -32.29
N LEU A 474 -19.81 8.05 -31.55
CA LEU A 474 -18.93 6.91 -31.64
C LEU A 474 -18.85 6.39 -33.07
N SER A 475 -20.00 6.25 -33.71
CA SER A 475 -20.10 5.75 -35.08
C SER A 475 -19.46 6.65 -36.14
N ASP A 476 -19.28 7.93 -35.81
CA ASP A 476 -18.69 8.86 -36.77
C ASP A 476 -18.00 10.03 -36.07
N LEU A 477 -16.70 9.91 -35.88
CA LEU A 477 -15.94 10.95 -35.21
C LEU A 477 -15.94 12.30 -35.92
N GLU A 478 -16.46 12.35 -37.15
CA GLU A 478 -16.50 13.61 -37.87
C GLU A 478 -17.63 14.49 -37.33
N VAL A 479 -18.58 13.87 -36.63
CA VAL A 479 -19.71 14.60 -36.05
C VAL A 479 -19.52 14.78 -34.55
N SER A 480 -19.78 15.99 -34.07
CA SER A 480 -19.63 16.28 -32.66
C SER A 480 -20.31 17.60 -32.33
N PHE A 481 -20.45 17.88 -31.04
CA PHE A 481 -21.06 19.12 -30.61
C PHE A 481 -20.52 19.54 -29.26
N ASP A 482 -20.52 20.85 -29.02
CA ASP A 482 -20.00 21.40 -27.77
C ASP A 482 -21.15 21.60 -26.80
N LEU A 483 -20.87 21.43 -25.51
CA LEU A 483 -21.88 21.66 -24.50
C LEU A 483 -21.87 23.18 -24.36
N LYS A 484 -23.05 23.77 -24.18
CA LYS A 484 -23.14 25.22 -24.08
C LYS A 484 -22.25 25.93 -23.07
N THR A 485 -21.94 25.29 -21.96
CA THR A 485 -21.09 25.90 -20.93
C THR A 485 -19.82 25.13 -20.62
N PRO A 486 -18.67 25.82 -20.61
CA PRO A 486 -17.38 25.17 -20.32
C PRO A 486 -17.25 24.97 -18.81
N LEU A 487 -16.11 24.45 -18.38
CA LEU A 487 -15.89 24.25 -16.94
C LEU A 487 -15.13 25.44 -16.40
N ARG A 488 -14.77 25.39 -15.12
CA ARG A 488 -14.03 26.48 -14.49
C ARG A 488 -12.53 26.35 -14.69
N ALA A 489 -12.02 25.14 -14.51
CA ALA A 489 -10.60 24.84 -14.67
C ALA A 489 -10.48 23.52 -15.43
N LYS A 490 -9.25 23.14 -15.77
CA LYS A 490 -9.02 21.90 -16.52
C LYS A 490 -9.95 20.77 -16.11
N PRO A 491 -10.64 20.18 -17.08
CA PRO A 491 -11.56 19.06 -16.77
C PRO A 491 -10.73 17.91 -16.22
N SER A 492 -11.27 17.21 -15.22
CA SER A 492 -10.54 16.11 -14.62
C SER A 492 -11.20 14.76 -14.83
N TYR A 493 -12.52 14.73 -14.83
CA TYR A 493 -13.25 13.49 -15.04
C TYR A 493 -14.63 13.77 -15.59
N ILE A 494 -15.07 12.91 -16.50
CA ILE A 494 -16.38 13.04 -17.12
C ILE A 494 -17.07 11.68 -17.12
N SER A 495 -18.35 11.68 -16.81
CA SER A 495 -19.12 10.45 -16.78
C SER A 495 -20.46 10.64 -17.45
N ILE A 496 -20.66 9.94 -18.56
CA ILE A 496 -21.90 10.02 -19.29
C ILE A 496 -22.95 9.12 -18.65
N SER A 497 -24.17 9.61 -18.53
CA SER A 497 -25.26 8.85 -17.93
C SER A 497 -25.37 7.45 -18.52
N PRO A 498 -25.83 6.48 -17.71
CA PRO A 498 -25.95 5.15 -18.28
C PRO A 498 -26.95 5.12 -19.44
N SER A 499 -27.94 6.00 -19.39
CA SER A 499 -28.95 6.08 -20.46
C SER A 499 -28.58 7.16 -21.48
N GLU A 500 -27.46 7.82 -21.23
CA GLU A 500 -26.96 8.88 -22.11
C GLU A 500 -27.80 10.15 -22.07
N THR A 501 -28.50 10.34 -20.96
CA THR A 501 -29.36 11.50 -20.78
C THR A 501 -28.51 12.68 -20.32
N TYR A 502 -27.71 12.47 -19.28
CA TYR A 502 -26.87 13.52 -18.75
C TYR A 502 -25.38 13.24 -18.87
N ILE A 503 -24.59 14.23 -18.51
CA ILE A 503 -23.13 14.15 -18.53
C ILE A 503 -22.63 14.89 -17.31
N ALA A 504 -21.93 14.18 -16.43
CA ALA A 504 -21.38 14.79 -15.24
C ALA A 504 -19.90 15.03 -15.48
N ALA A 505 -19.43 16.24 -15.26
CA ALA A 505 -18.02 16.57 -15.48
C ALA A 505 -17.49 17.51 -14.41
N GLY A 506 -16.37 17.12 -13.80
CA GLY A 506 -15.76 17.94 -12.76
C GLY A 506 -14.38 18.42 -13.18
N ASP A 507 -13.85 19.40 -12.46
CA ASP A 507 -12.54 19.95 -12.76
C ASP A 507 -11.52 19.77 -11.62
N VAL A 508 -10.29 20.17 -11.89
CA VAL A 508 -9.22 20.08 -10.91
C VAL A 508 -9.37 21.03 -9.71
N MET A 509 -10.35 21.91 -9.78
CA MET A 509 -10.58 22.85 -8.69
C MET A 509 -11.66 22.32 -7.75
N GLY A 510 -12.53 21.46 -8.27
CA GLY A 510 -13.58 20.91 -7.43
C GLY A 510 -15.01 21.16 -7.88
N LYS A 511 -15.19 21.73 -9.06
CA LYS A 511 -16.53 22.02 -9.54
C LYS A 511 -17.05 20.86 -10.39
N ILE A 512 -18.32 20.55 -10.24
CA ILE A 512 -18.93 19.45 -10.99
C ILE A 512 -20.27 19.87 -11.59
N LEU A 513 -20.26 20.15 -12.88
CA LEU A 513 -21.47 20.55 -13.58
C LEU A 513 -22.17 19.36 -14.20
N LEU A 514 -23.49 19.37 -14.17
CA LEU A 514 -24.31 18.31 -14.74
C LEU A 514 -25.07 18.88 -15.92
N TYR A 515 -24.86 18.30 -17.09
CA TYR A 515 -25.51 18.77 -18.31
C TYR A 515 -26.58 17.81 -18.81
N ASP A 516 -27.41 18.32 -19.71
CA ASP A 516 -28.41 17.49 -20.36
C ASP A 516 -27.68 17.26 -21.66
N LEU A 517 -27.31 16.01 -21.95
CA LEU A 517 -26.58 15.72 -23.16
C LEU A 517 -27.23 16.28 -24.43
N GLN A 518 -28.49 15.96 -24.64
CA GLN A 518 -29.22 16.41 -25.82
C GLN A 518 -29.14 17.91 -26.06
N SER A 519 -29.71 18.68 -25.15
CA SER A 519 -29.71 20.14 -25.27
C SER A 519 -28.34 20.77 -25.06
N ARG A 520 -27.39 19.96 -24.55
CA ARG A 520 -26.04 20.41 -24.26
C ARG A 520 -26.02 21.64 -23.34
N GLU A 521 -27.02 21.72 -22.49
CA GLU A 521 -27.18 22.83 -21.55
C GLU A 521 -26.96 22.35 -20.11
N VAL A 522 -26.46 23.22 -19.25
CA VAL A 522 -26.24 22.85 -17.84
C VAL A 522 -27.61 22.60 -17.20
N LYS A 523 -27.74 21.49 -16.47
CA LYS A 523 -29.00 21.15 -15.81
C LYS A 523 -28.99 21.56 -14.34
N THR A 524 -27.80 21.90 -13.86
CA THR A 524 -27.62 22.34 -12.48
C THR A 524 -26.14 22.41 -12.13
N SER A 525 -25.78 23.52 -11.50
CA SER A 525 -24.41 23.75 -11.07
C SER A 525 -24.56 23.86 -9.56
N ARG A 526 -25.69 23.37 -9.07
CA ARG A 526 -26.02 23.43 -7.65
C ARG A 526 -25.24 22.46 -6.77
N TRP A 527 -24.69 21.40 -7.35
CA TRP A 527 -23.92 20.44 -6.57
C TRP A 527 -22.76 21.18 -5.91
N ALA A 528 -22.59 20.95 -4.61
CA ALA A 528 -21.57 21.60 -3.79
C ALA A 528 -20.13 21.54 -4.28
N PHE A 529 -19.49 22.71 -4.32
CA PHE A 529 -18.09 22.82 -4.74
C PHE A 529 -17.28 22.00 -3.75
N ARG A 530 -16.24 21.32 -4.24
CA ARG A 530 -15.41 20.48 -3.39
C ARG A 530 -14.14 21.19 -2.93
N THR A 531 -13.61 22.09 -3.75
CA THR A 531 -12.35 22.79 -3.43
C THR A 531 -11.23 21.76 -3.49
N SER A 532 -11.28 20.89 -4.50
CA SER A 532 -10.29 19.84 -4.66
C SER A 532 -10.56 19.04 -5.94
N LYS A 533 -9.49 18.67 -6.63
CA LYS A 533 -9.56 17.92 -7.88
C LYS A 533 -10.55 16.74 -7.87
N ILE A 534 -11.39 16.64 -8.90
CA ILE A 534 -12.34 15.53 -8.97
C ILE A 534 -11.69 14.42 -9.78
N ASN A 535 -11.62 13.23 -9.20
CA ASN A 535 -11.01 12.08 -9.86
C ASN A 535 -11.96 10.99 -10.30
N ALA A 536 -13.16 10.98 -9.75
CA ALA A 536 -14.11 9.92 -10.10
C ALA A 536 -15.58 10.32 -9.99
N ILE A 537 -16.38 9.73 -10.87
CA ILE A 537 -17.82 9.97 -10.90
C ILE A 537 -18.48 8.71 -11.43
N SER A 538 -19.44 8.18 -10.70
CA SER A 538 -20.14 6.97 -11.14
C SER A 538 -21.62 7.03 -10.85
N TRP A 539 -22.42 6.79 -11.88
CA TRP A 539 -23.86 6.80 -11.74
C TRP A 539 -24.41 5.58 -11.06
N LYS A 540 -25.28 5.79 -10.08
CA LYS A 540 -25.90 4.68 -9.39
C LYS A 540 -26.96 4.04 -10.28
N PRO A 541 -26.97 2.70 -10.34
CA PRO A 541 -27.95 1.99 -11.15
C PRO A 541 -29.20 1.70 -10.33
N ALA A 542 -30.32 1.42 -11.01
CA ALA A 542 -31.56 1.15 -10.33
C ALA A 542 -31.61 -0.24 -9.72
N GLU A 543 -32.47 -0.42 -8.73
CA GLU A 543 -32.62 -1.71 -8.07
C GLU A 543 -33.51 -2.58 -8.93
N GLU A 550 -39.87 4.18 -10.59
CA GLU A 550 -38.61 4.92 -10.50
C GLU A 550 -37.79 4.72 -11.77
N ILE A 551 -36.61 4.11 -11.59
CA ILE A 551 -35.66 3.83 -12.66
C ILE A 551 -35.01 5.09 -13.25
N GLU A 552 -35.43 6.25 -12.76
CA GLU A 552 -34.89 7.51 -13.24
C GLU A 552 -33.54 7.79 -12.59
N GLU A 553 -32.54 8.13 -13.41
CA GLU A 553 -31.20 8.41 -12.91
C GLU A 553 -31.23 9.56 -11.92
N ASP A 554 -30.70 9.33 -10.73
CA ASP A 554 -30.69 10.36 -9.70
C ASP A 554 -29.38 10.48 -8.92
N LEU A 555 -29.03 9.45 -8.16
CA LEU A 555 -27.79 9.49 -7.36
C LEU A 555 -26.51 9.29 -8.18
N VAL A 556 -25.51 10.12 -7.87
CA VAL A 556 -24.23 10.10 -8.56
C VAL A 556 -23.07 10.16 -7.56
N ALA A 557 -22.26 9.11 -7.51
CA ALA A 557 -21.12 9.04 -6.60
C ALA A 557 -19.91 9.74 -7.20
N THR A 558 -19.15 10.46 -6.37
CA THR A 558 -17.97 11.15 -6.84
C THR A 558 -16.86 11.15 -5.79
N GLY A 559 -15.63 11.24 -6.26
CA GLY A 559 -14.49 11.24 -5.37
C GLY A 559 -13.52 12.33 -5.77
N SER A 560 -12.86 12.92 -4.78
CA SER A 560 -11.91 13.98 -5.04
C SER A 560 -10.61 13.79 -4.26
N LEU A 561 -9.59 14.51 -4.70
CA LEU A 561 -8.28 14.45 -4.10
C LEU A 561 -8.35 14.68 -2.59
N ASP A 562 -9.38 15.42 -2.16
CA ASP A 562 -9.55 15.71 -0.75
C ASP A 562 -9.86 14.51 0.13
N THR A 563 -9.86 13.31 -0.46
CA THR A 563 -10.10 12.06 0.26
C THR A 563 -11.57 11.68 0.44
N ASN A 564 -12.48 12.54 -0.02
CA ASN A 564 -13.88 12.26 0.18
C ASN A 564 -14.71 11.70 -0.94
N ILE A 565 -15.84 11.13 -0.54
CA ILE A 565 -16.81 10.54 -1.42
C ILE A 565 -18.09 11.33 -1.21
N PHE A 566 -18.59 11.91 -2.29
CA PHE A 566 -19.80 12.71 -2.25
C PHE A 566 -20.79 12.11 -3.24
N ILE A 567 -21.93 11.66 -2.74
CA ILE A 567 -22.96 11.11 -3.61
C ILE A 567 -23.99 12.18 -3.82
N TYR A 568 -23.92 12.84 -4.97
CA TYR A 568 -24.84 13.92 -5.30
C TYR A 568 -26.18 13.41 -5.82
N SER A 569 -27.12 14.33 -6.00
CA SER A 569 -28.44 13.99 -6.50
C SER A 569 -28.93 14.93 -7.59
N VAL A 570 -29.42 14.36 -8.69
CA VAL A 570 -29.93 15.15 -9.79
C VAL A 570 -31.25 15.79 -9.37
N LYS A 571 -32.12 14.98 -8.76
CA LYS A 571 -33.42 15.43 -8.31
C LYS A 571 -33.34 16.38 -7.13
N ARG A 572 -32.39 16.14 -6.23
CA ARG A 572 -32.22 16.99 -5.06
C ARG A 572 -30.75 17.39 -4.88
N PRO A 573 -30.29 18.35 -5.71
CA PRO A 573 -28.93 18.90 -5.74
C PRO A 573 -28.40 19.42 -4.42
N MET A 574 -29.30 19.67 -3.46
CA MET A 574 -28.87 20.18 -2.17
C MET A 574 -28.61 19.05 -1.16
N LYS A 575 -29.03 17.83 -1.50
CA LYS A 575 -28.83 16.69 -0.61
C LYS A 575 -27.56 15.91 -1.00
N ILE A 576 -26.65 15.76 -0.05
CA ILE A 576 -25.40 15.07 -0.28
C ILE A 576 -25.12 13.98 0.74
N ILE A 577 -24.97 12.74 0.28
CA ILE A 577 -24.63 11.65 1.17
C ILE A 577 -23.11 11.65 1.10
N LYS A 578 -22.44 11.54 2.22
CA LYS A 578 -20.99 11.55 2.16
C LYS A 578 -20.26 10.61 3.09
N ALA A 579 -18.99 10.38 2.74
CA ALA A 579 -18.09 9.51 3.49
C ALA A 579 -16.77 10.26 3.45
N LEU A 580 -16.31 10.70 4.62
CA LEU A 580 -15.06 11.44 4.72
C LEU A 580 -13.87 10.51 4.95
N ASN A 581 -12.68 10.99 4.62
CA ASN A 581 -11.45 10.24 4.81
C ASN A 581 -11.52 8.82 4.23
N ALA A 582 -12.13 8.70 3.06
CA ALA A 582 -12.28 7.40 2.42
C ALA A 582 -10.92 6.81 2.04
N HIS A 583 -10.03 7.64 1.53
CA HIS A 583 -8.71 7.20 1.13
C HIS A 583 -7.66 8.30 1.33
N LYS A 584 -6.66 8.02 2.14
CA LYS A 584 -5.62 9.02 2.39
C LYS A 584 -5.03 9.49 1.05
N ASP A 585 -4.96 10.79 0.89
CA ASP A 585 -4.41 11.41 -0.30
C ASP A 585 -5.30 11.30 -1.55
N GLY A 586 -6.61 11.14 -1.36
CA GLY A 586 -7.52 11.09 -2.49
C GLY A 586 -8.17 9.80 -2.93
N VAL A 587 -9.36 9.95 -3.51
CA VAL A 587 -10.13 8.84 -4.04
C VAL A 587 -9.79 8.83 -5.53
N ASN A 588 -9.29 7.70 -6.03
CA ASN A 588 -8.93 7.62 -7.44
C ASN A 588 -10.03 7.03 -8.30
N ASN A 589 -10.60 5.91 -7.87
CA ASN A 589 -11.68 5.25 -8.64
C ASN A 589 -12.95 5.05 -7.79
N LEU A 590 -14.07 4.87 -8.48
CA LEU A 590 -15.36 4.64 -7.84
C LEU A 590 -16.28 3.85 -8.76
N LEU A 591 -16.91 2.81 -8.21
CA LEU A 591 -17.81 1.97 -8.99
C LEU A 591 -18.93 1.40 -8.13
N TRP A 592 -20.05 1.07 -8.78
CA TRP A 592 -21.18 0.46 -8.10
C TRP A 592 -21.20 -0.99 -8.53
N GLU A 593 -20.83 -1.91 -7.65
CA GLU A 593 -20.85 -3.33 -8.03
C GLU A 593 -22.25 -3.86 -7.78
N THR A 594 -22.99 -3.13 -6.97
CA THR A 594 -24.35 -3.49 -6.64
C THR A 594 -25.14 -2.20 -6.49
N PRO A 595 -26.43 -2.24 -6.81
CA PRO A 595 -27.25 -1.03 -6.67
C PRO A 595 -27.09 -0.35 -5.31
N SER A 596 -26.76 -1.13 -4.29
CA SER A 596 -26.59 -0.57 -2.95
C SER A 596 -25.15 -0.55 -2.46
N THR A 597 -24.22 -1.07 -3.25
CA THR A 597 -22.84 -1.10 -2.80
C THR A 597 -21.83 -0.41 -3.70
N LEU A 598 -21.05 0.48 -3.10
CA LEU A 598 -20.02 1.23 -3.78
C LEU A 598 -18.68 0.57 -3.47
N VAL A 599 -17.76 0.69 -4.41
CA VAL A 599 -16.42 0.16 -4.25
C VAL A 599 -15.52 1.33 -4.59
N SER A 600 -14.52 1.58 -3.75
CA SER A 600 -13.61 2.68 -4.01
C SER A 600 -12.15 2.26 -3.89
N SER A 601 -11.28 3.00 -4.56
CA SER A 601 -9.85 2.74 -4.53
C SER A 601 -9.18 4.09 -4.28
N GLY A 602 -8.06 4.10 -3.56
CA GLY A 602 -7.41 5.37 -3.29
C GLY A 602 -5.92 5.43 -3.49
N ALA A 603 -5.39 6.64 -3.39
CA ALA A 603 -3.96 6.87 -3.54
C ALA A 603 -3.22 6.03 -2.51
N ASP A 604 -3.93 5.69 -1.43
CA ASP A 604 -3.40 4.90 -0.33
C ASP A 604 -3.38 3.39 -0.60
N ALA A 605 -3.56 3.02 -1.87
CA ALA A 605 -3.55 1.62 -2.28
C ALA A 605 -4.61 0.74 -1.56
N CYS A 606 -5.70 1.36 -1.13
CA CYS A 606 -6.76 0.61 -0.45
C CYS A 606 -7.94 0.49 -1.38
N ILE A 607 -8.73 -0.56 -1.17
CA ILE A 607 -9.93 -0.80 -1.95
C ILE A 607 -11.03 -0.95 -0.90
N LYS A 608 -12.08 -0.15 -1.02
CA LYS A 608 -13.16 -0.22 -0.04
C LYS A 608 -14.55 -0.41 -0.63
N ARG A 609 -15.33 -1.25 0.04
CA ARG A 609 -16.70 -1.52 -0.34
C ARG A 609 -17.59 -0.75 0.63
N TRP A 610 -18.63 -0.11 0.12
CA TRP A 610 -19.53 0.66 0.98
C TRP A 610 -20.99 0.30 0.78
N ASN A 611 -21.74 0.32 1.87
CA ASN A 611 -23.17 0.04 1.84
C ASN A 611 -23.88 1.39 1.76
N VAL A 612 -24.55 1.63 0.65
CA VAL A 612 -25.28 2.89 0.51
C VAL A 612 -26.71 2.65 0.98
N VAL A 613 -27.04 3.24 2.11
CA VAL A 613 -28.37 3.11 2.71
C VAL A 613 -29.32 4.21 2.24
#